data_5DWA
#
_entry.id   5DWA
#
_cell.length_a   66.003
_cell.length_b   79.806
_cell.length_c   101.655
_cell.angle_alpha   90.000
_cell.angle_beta   90.000
_cell.angle_gamma   90.000
#
_symmetry.space_group_name_H-M   'P 21 21 21'
#
loop_
_entity.id
_entity.type
_entity.pdbx_description
1 polymer 'Type-2 restriction enzyme AgeI'
2 polymer "DNA (5'-D(*TP*CP*GP*AP*CP*CP*GP*GP*TP*CP*G*)-3')"
3 water water
#
loop_
_entity_poly.entity_id
_entity_poly.type
_entity_poly.pdbx_seq_one_letter_code
_entity_poly.pdbx_strand_id
1 'polypeptide(L)'
;MRLDLDFGRGLVAHVMLDNVSEEQYQQISDYFVPLVNKPKLKSRDAIGQAFVMATEVCPDANPSDLWHHVLYRIYIREKI
GTDPSQSWVRTSGEAFEVALVERYNPVLARHGIRLTALFKGQKGLALTRMGVADRVGSRKVDVMIEKQGGGRSPDAEGFG
VVGGIHAKVSLAERVSDDIPASRIMMGEGLLSVLSTLDVKSFPPPHGDLVNRGELGTPDRPSDKRNYIEGHGDFSACFSY
NLRTSPSNATTPSGRHIYVSGFSGQDDEFTDYLVAQLA
;
A,B
2 'polydeoxyribonucleotide' (DT)(DC)(DG)(DA)(DC)(DC)(DG)(DG)(DT)(DC)(DG) C,D
#
loop_
_chem_comp.id
_chem_comp.type
_chem_comp.name
_chem_comp.formula
DA DNA linking 2'-DEOXYADENOSINE-5'-MONOPHOSPHATE 'C10 H14 N5 O6 P'
DC DNA linking 2'-DEOXYCYTIDINE-5'-MONOPHOSPHATE 'C9 H14 N3 O7 P'
DG DNA linking 2'-DEOXYGUANOSINE-5'-MONOPHOSPHATE 'C10 H14 N5 O7 P'
DT DNA linking THYMIDINE-5'-MONOPHOSPHATE 'C10 H15 N2 O8 P'
#
# COMPACT_ATOMS: atom_id res chain seq x y z
N MET A 1 18.83 20.38 -17.61
CA MET A 1 20.12 20.18 -16.98
C MET A 1 20.37 18.70 -16.70
N ARG A 2 21.64 18.34 -16.52
CA ARG A 2 21.95 16.99 -16.06
C ARG A 2 21.93 16.98 -14.54
N LEU A 3 21.06 16.15 -13.98
CA LEU A 3 20.98 16.00 -12.53
C LEU A 3 21.98 14.96 -12.04
N ASP A 4 22.70 15.29 -10.98
CA ASP A 4 23.60 14.34 -10.35
C ASP A 4 22.98 13.85 -9.06
N LEU A 5 22.69 12.56 -9.00
CA LEU A 5 21.97 12.00 -7.85
C LEU A 5 22.88 11.16 -6.98
N ASP A 6 22.94 11.52 -5.70
CA ASP A 6 23.74 10.78 -4.74
C ASP A 6 22.95 9.57 -4.24
N PHE A 7 23.37 8.38 -4.66
N PHE A 7 23.36 8.39 -4.64
CA PHE A 7 22.74 7.16 -4.17
CA PHE A 7 22.74 7.16 -4.16
C PHE A 7 23.48 6.64 -2.95
C PHE A 7 23.50 6.62 -2.96
N GLY A 8 24.41 7.42 -2.44
CA GLY A 8 25.18 7.06 -1.27
C GLY A 8 26.34 6.14 -1.58
N ARG A 9 27.27 6.05 -0.63
CA ARG A 9 28.39 5.11 -0.71
C ARG A 9 29.22 5.27 -1.98
N GLY A 10 29.43 6.51 -2.40
CA GLY A 10 30.24 6.78 -3.57
C GLY A 10 29.54 6.43 -4.87
N LEU A 11 28.26 6.07 -4.77
CA LEU A 11 27.43 5.80 -5.95
C LEU A 11 26.74 7.06 -6.43
N VAL A 12 26.98 7.41 -7.69
CA VAL A 12 26.33 8.56 -8.30
C VAL A 12 25.58 8.10 -9.54
N ALA A 13 24.39 8.66 -9.77
CA ALA A 13 23.75 8.43 -11.05
C ALA A 13 23.31 9.75 -11.65
N HIS A 14 22.89 9.71 -12.91
CA HIS A 14 22.54 10.91 -13.63
C HIS A 14 21.20 10.70 -14.29
N VAL A 15 20.46 11.79 -14.43
CA VAL A 15 19.23 11.77 -15.18
C VAL A 15 19.04 13.19 -15.74
N MET A 16 18.46 13.28 -16.93
N MET A 16 18.45 13.30 -16.92
CA MET A 16 18.14 14.56 -17.53
CA MET A 16 18.24 14.62 -17.50
C MET A 16 16.93 15.18 -16.84
C MET A 16 16.93 15.23 -17.00
N LEU A 17 17.02 16.48 -16.55
CA LEU A 17 15.89 17.22 -16.04
C LEU A 17 15.60 18.38 -16.99
N ASP A 18 14.72 18.11 -17.96
CA ASP A 18 14.42 19.04 -19.04
C ASP A 18 13.76 20.32 -18.55
N ASN A 19 14.13 21.44 -19.18
CA ASN A 19 13.57 22.76 -18.88
C ASN A 19 13.73 23.19 -17.43
N VAL A 20 14.84 22.77 -16.83
CA VAL A 20 15.28 23.28 -15.54
C VAL A 20 16.74 23.64 -15.65
N SER A 21 17.07 24.89 -15.39
CA SER A 21 18.47 25.32 -15.43
C SER A 21 19.10 25.11 -14.06
N GLU A 22 20.42 25.11 -14.01
CA GLU A 22 21.14 25.06 -12.74
C GLU A 22 20.65 26.17 -11.81
N GLU A 23 20.40 27.35 -12.38
N GLU A 23 20.43 27.35 -12.39
CA GLU A 23 20.00 28.50 -11.58
CA GLU A 23 19.99 28.52 -11.65
C GLU A 23 18.59 28.35 -11.04
C GLU A 23 18.60 28.32 -11.05
N GLN A 24 17.69 27.81 -11.86
CA GLN A 24 16.32 27.56 -11.43
C GLN A 24 16.30 26.49 -10.33
N TYR A 25 17.11 25.46 -10.52
CA TYR A 25 17.25 24.40 -9.52
C TYR A 25 17.70 24.98 -8.18
N GLN A 26 18.72 25.84 -8.21
CA GLN A 26 19.18 26.46 -6.97
C GLN A 26 18.11 27.32 -6.30
N GLN A 27 17.32 27.98 -7.13
N GLN A 27 17.31 28.01 -7.12
CA GLN A 27 16.22 28.81 -6.65
CA GLN A 27 16.21 28.81 -6.59
C GLN A 27 15.20 27.96 -5.90
C GLN A 27 15.22 27.94 -5.85
N ILE A 28 14.87 26.81 -6.46
CA ILE A 28 13.94 25.88 -5.85
C ILE A 28 14.56 25.32 -4.57
N SER A 29 15.82 24.94 -4.64
N SER A 29 15.83 24.93 -4.65
CA SER A 29 16.52 24.40 -3.48
CA SER A 29 16.53 24.41 -3.48
C SER A 29 16.57 25.42 -2.34
C SER A 29 16.58 25.42 -2.33
N ASP A 30 16.87 26.67 -2.68
CA ASP A 30 16.98 27.73 -1.68
C ASP A 30 15.66 27.99 -0.94
N TYR A 31 14.55 27.78 -1.63
CA TYR A 31 13.23 27.94 -1.01
C TYR A 31 12.89 26.73 -0.14
N PHE A 32 13.17 25.54 -0.66
CA PHE A 32 12.69 24.30 -0.07
C PHE A 32 13.56 23.78 1.07
N VAL A 33 14.88 23.79 0.91
CA VAL A 33 15.77 23.25 1.92
C VAL A 33 15.50 23.80 3.33
N PRO A 34 15.37 25.12 3.47
CA PRO A 34 15.14 25.61 4.84
C PRO A 34 13.79 25.21 5.42
N LEU A 35 12.89 24.67 4.60
CA LEU A 35 11.57 24.29 5.06
C LEU A 35 11.53 22.85 5.57
N VAL A 36 12.49 22.05 5.13
CA VAL A 36 12.46 20.60 5.36
C VAL A 36 12.48 20.28 6.86
N ASN A 37 13.26 21.03 7.61
CA ASN A 37 13.38 20.81 9.04
C ASN A 37 12.95 22.03 9.86
N LYS A 38 12.15 22.90 9.24
CA LYS A 38 11.75 24.15 9.89
C LYS A 38 10.79 23.87 11.03
N PRO A 39 11.10 24.37 12.23
CA PRO A 39 10.19 24.18 13.35
C PRO A 39 8.76 24.65 13.08
N LYS A 40 7.79 23.89 13.58
N LYS A 40 7.79 23.89 13.56
CA LYS A 40 6.35 24.19 13.49
CA LYS A 40 6.37 24.21 13.49
C LYS A 40 5.78 24.14 12.07
C LYS A 40 5.81 24.20 12.07
N LEU A 41 6.59 23.71 11.12
CA LEU A 41 6.10 23.60 9.74
C LEU A 41 5.93 22.14 9.37
N LYS A 42 4.69 21.71 9.19
CA LYS A 42 4.44 20.35 8.71
C LYS A 42 5.06 20.16 7.35
N SER A 43 5.69 19.01 7.13
CA SER A 43 6.34 18.82 5.86
C SER A 43 5.35 18.70 4.70
N ARG A 44 4.10 18.34 4.97
CA ARG A 44 3.12 18.32 3.89
C ARG A 44 2.97 19.73 3.33
N ASP A 45 3.13 20.73 4.19
CA ASP A 45 3.07 22.12 3.77
C ASP A 45 4.37 22.57 3.09
N ALA A 46 5.51 22.15 3.63
CA ALA A 46 6.79 22.42 3.01
C ALA A 46 6.85 21.87 1.58
N ILE A 47 6.54 20.60 1.42
CA ILE A 47 6.62 19.96 0.10
C ILE A 47 5.55 20.51 -0.83
N GLY A 48 4.33 20.66 -0.30
CA GLY A 48 3.21 21.15 -1.09
C GLY A 48 3.48 22.53 -1.64
N GLN A 49 3.89 23.44 -0.76
CA GLN A 49 4.16 24.81 -1.19
C GLN A 49 5.39 24.88 -2.09
N ALA A 50 6.42 24.07 -1.79
CA ALA A 50 7.59 24.04 -2.65
C ALA A 50 7.24 23.54 -4.06
N PHE A 51 6.28 22.62 -4.16
CA PHE A 51 5.88 22.13 -5.47
C PHE A 51 5.19 23.21 -6.29
N VAL A 52 4.30 23.96 -5.63
CA VAL A 52 3.61 25.06 -6.30
C VAL A 52 4.63 26.11 -6.75
N MET A 53 5.59 26.38 -5.88
CA MET A 53 6.68 27.30 -6.21
C MET A 53 7.52 26.77 -7.37
N ALA A 54 7.92 25.50 -7.29
CA ALA A 54 8.82 24.94 -8.30
C ALA A 54 8.20 24.92 -9.68
N THR A 55 6.90 24.62 -9.75
CA THR A 55 6.22 24.57 -11.04
C THR A 55 6.00 25.97 -11.61
N GLU A 56 6.03 26.98 -10.76
CA GLU A 56 5.93 28.35 -11.25
C GLU A 56 7.31 28.85 -11.69
N VAL A 57 8.37 28.42 -11.01
CA VAL A 57 9.74 28.75 -11.43
C VAL A 57 10.07 28.04 -12.74
N CYS A 58 9.62 26.81 -12.87
CA CYS A 58 9.89 26.00 -14.06
C CYS A 58 8.61 25.49 -14.70
N PRO A 59 7.87 26.40 -15.36
CA PRO A 59 6.56 26.04 -15.90
C PRO A 59 6.60 25.07 -17.08
N ASP A 60 7.76 24.94 -17.74
CA ASP A 60 7.85 24.04 -18.88
C ASP A 60 8.44 22.69 -18.49
N ALA A 61 8.86 22.57 -17.24
CA ALA A 61 9.43 21.32 -16.75
C ALA A 61 8.31 20.33 -16.51
N ASN A 62 8.66 19.05 -16.52
CA ASN A 62 7.72 17.99 -16.18
C ASN A 62 7.44 18.06 -14.67
N PRO A 63 6.18 18.37 -14.30
CA PRO A 63 5.86 18.51 -12.88
C PRO A 63 6.21 17.26 -12.10
N SER A 64 5.93 16.11 -12.69
CA SER A 64 6.23 14.83 -12.03
C SER A 64 7.73 14.68 -11.78
N ASP A 65 8.54 15.18 -12.71
CA ASP A 65 10.00 15.16 -12.53
C ASP A 65 10.45 16.13 -11.45
N LEU A 66 9.78 17.28 -11.33
CA LEU A 66 10.13 18.20 -10.26
C LEU A 66 9.84 17.57 -8.91
N TRP A 67 8.74 16.84 -8.83
CA TRP A 67 8.39 16.17 -7.58
C TRP A 67 9.39 15.06 -7.26
N HIS A 68 9.64 14.22 -8.26
CA HIS A 68 10.39 12.99 -8.05
C HIS A 68 11.89 13.16 -8.07
N HIS A 69 12.41 13.97 -9.00
CA HIS A 69 13.86 14.11 -9.15
C HIS A 69 14.41 15.29 -8.35
N VAL A 70 13.56 16.23 -7.95
CA VAL A 70 14.04 17.39 -7.21
C VAL A 70 13.59 17.37 -5.75
N LEU A 71 12.28 17.54 -5.51
CA LEU A 71 11.78 17.63 -4.14
C LEU A 71 12.05 16.36 -3.32
N TYR A 72 11.72 15.20 -3.89
CA TYR A 72 12.02 13.92 -3.24
C TYR A 72 13.47 13.79 -2.85
N ARG A 73 14.35 14.07 -3.80
N ARG A 73 14.36 14.09 -3.77
CA ARG A 73 15.77 13.88 -3.60
CA ARG A 73 15.76 13.82 -3.53
C ARG A 73 16.33 14.83 -2.56
C ARG A 73 16.38 14.84 -2.58
N ILE A 74 15.93 16.09 -2.64
CA ILE A 74 16.37 17.08 -1.68
C ILE A 74 15.86 16.73 -0.28
N TYR A 75 14.58 16.33 -0.20
CA TYR A 75 14.00 15.96 1.08
C TYR A 75 14.78 14.79 1.71
N ILE A 76 15.02 13.75 0.93
CA ILE A 76 15.77 12.60 1.40
C ILE A 76 17.18 12.97 1.89
N ARG A 77 17.83 13.91 1.21
CA ARG A 77 19.17 14.34 1.60
C ARG A 77 19.17 15.18 2.86
N GLU A 78 18.16 16.04 2.98
CA GLU A 78 18.19 17.08 4.00
C GLU A 78 17.46 16.76 5.30
N LYS A 79 16.52 15.82 5.28
CA LYS A 79 15.71 15.56 6.47
C LYS A 79 16.56 15.07 7.65
N ILE A 80 16.42 15.74 8.79
CA ILE A 80 17.20 15.40 9.98
C ILE A 80 16.35 14.80 11.09
N GLY A 81 16.89 13.80 11.78
CA GLY A 81 16.31 13.34 13.03
C GLY A 81 15.20 12.31 12.90
N THR A 82 15.01 11.81 11.68
CA THR A 82 13.95 10.87 11.40
C THR A 82 14.26 10.21 10.05
N ASP A 83 13.80 8.98 9.85
CA ASP A 83 14.15 8.25 8.62
C ASP A 83 13.63 9.01 7.40
N PRO A 84 14.53 9.44 6.51
CA PRO A 84 14.09 10.28 5.40
C PRO A 84 13.06 9.59 4.48
N SER A 85 13.30 8.34 4.12
CA SER A 85 12.38 7.68 3.20
C SER A 85 10.99 7.46 3.80
N GLN A 86 10.93 7.03 5.05
CA GLN A 86 9.62 6.79 5.66
C GLN A 86 8.92 8.10 6.02
N SER A 87 9.71 9.12 6.37
CA SER A 87 9.16 10.46 6.56
C SER A 87 8.52 10.96 5.26
N TRP A 88 9.24 10.77 4.16
CA TRP A 88 8.73 11.13 2.85
C TRP A 88 7.39 10.43 2.54
N VAL A 89 7.28 9.13 2.85
CA VAL A 89 6.01 8.43 2.63
C VAL A 89 4.87 9.13 3.38
N ARG A 90 5.13 9.46 4.64
CA ARG A 90 4.09 9.98 5.52
C ARG A 90 3.68 11.42 5.16
N THR A 91 4.63 12.19 4.65
CA THR A 91 4.38 13.62 4.40
C THR A 91 4.03 13.97 2.95
N SER A 92 4.56 13.21 1.99
CA SER A 92 4.43 13.61 0.59
C SER A 92 3.04 13.35 -0.01
N GLY A 93 2.34 12.34 0.49
CA GLY A 93 0.99 12.05 0.03
C GLY A 93 0.08 13.21 0.34
N GLU A 94 0.10 13.63 1.60
CA GLU A 94 -0.69 14.78 2.00
C GLU A 94 -0.18 16.06 1.34
N ALA A 95 1.10 16.12 1.03
CA ALA A 95 1.63 17.31 0.36
C ALA A 95 1.01 17.50 -1.02
N PHE A 96 0.74 16.41 -1.74
CA PHE A 96 0.14 16.55 -3.06
C PHE A 96 -1.31 17.09 -2.94
N GLU A 97 -2.03 16.62 -1.93
CA GLU A 97 -3.35 17.21 -1.61
C GLU A 97 -3.23 18.72 -1.36
N VAL A 98 -2.29 19.11 -0.51
CA VAL A 98 -2.05 20.54 -0.24
C VAL A 98 -1.82 21.31 -1.54
N ALA A 99 -0.97 20.76 -2.39
CA ALA A 99 -0.62 21.42 -3.64
C ALA A 99 -1.82 21.54 -4.59
N LEU A 100 -2.64 20.49 -4.68
CA LEU A 100 -3.83 20.54 -5.54
C LEU A 100 -4.78 21.66 -5.11
N VAL A 101 -5.01 21.77 -3.80
CA VAL A 101 -5.92 22.78 -3.26
C VAL A 101 -5.35 24.18 -3.48
N GLU A 102 -4.07 24.34 -3.18
CA GLU A 102 -3.40 25.64 -3.34
C GLU A 102 -3.42 26.12 -4.79
N ARG A 103 -3.16 25.20 -5.70
N ARG A 103 -3.16 25.21 -5.72
CA ARG A 103 -3.04 25.49 -7.13
CA ARG A 103 -3.05 25.59 -7.13
C ARG A 103 -4.38 25.80 -7.79
C ARG A 103 -4.41 25.86 -7.76
N TYR A 104 -5.40 25.02 -7.45
CA TYR A 104 -6.67 25.10 -8.14
C TYR A 104 -7.75 25.97 -7.51
N ASN A 105 -7.75 26.15 -6.20
CA ASN A 105 -8.84 26.91 -5.60
C ASN A 105 -8.98 28.36 -6.09
N PRO A 106 -7.86 29.08 -6.34
CA PRO A 106 -8.06 30.44 -6.88
C PRO A 106 -8.82 30.47 -8.21
N VAL A 107 -8.49 29.56 -9.12
CA VAL A 107 -9.12 29.53 -10.43
C VAL A 107 -10.55 29.01 -10.34
N LEU A 108 -10.76 28.01 -9.50
CA LEU A 108 -12.08 27.41 -9.35
C LEU A 108 -13.07 28.34 -8.64
N ALA A 109 -12.56 29.21 -7.77
CA ALA A 109 -13.41 30.12 -7.02
C ALA A 109 -14.21 31.04 -7.93
N ARG A 110 -13.65 31.38 -9.08
N ARG A 110 -13.63 31.37 -9.08
CA ARG A 110 -14.33 32.22 -10.08
CA ARG A 110 -14.31 32.21 -10.07
C ARG A 110 -15.61 31.55 -10.57
C ARG A 110 -15.58 31.56 -10.61
N HIS A 111 -15.68 30.23 -10.46
CA HIS A 111 -16.82 29.48 -10.93
C HIS A 111 -17.63 28.87 -9.79
N GLY A 112 -17.38 29.34 -8.57
CA GLY A 112 -18.07 28.86 -7.39
C GLY A 112 -17.73 27.44 -6.98
N ILE A 113 -16.56 26.96 -7.41
CA ILE A 113 -16.11 25.61 -7.11
C ILE A 113 -14.96 25.69 -6.12
N ARG A 114 -14.93 24.74 -5.18
CA ARG A 114 -13.94 24.76 -4.12
C ARG A 114 -13.49 23.36 -3.73
N LEU A 115 -12.18 23.19 -3.61
CA LEU A 115 -11.57 21.96 -3.12
C LEU A 115 -11.19 22.08 -1.65
N THR A 116 -11.30 20.97 -0.93
CA THR A 116 -10.90 20.92 0.46
C THR A 116 -10.23 19.58 0.74
N ALA A 117 -8.98 19.60 1.20
CA ALA A 117 -8.27 18.36 1.56
C ALA A 117 -8.88 17.78 2.82
N LEU A 118 -9.14 16.47 2.80
CA LEU A 118 -9.84 15.85 3.92
C LEU A 118 -8.83 15.31 4.91
N PHE A 119 -8.21 16.21 5.66
CA PHE A 119 -7.21 15.84 6.64
C PHE A 119 -7.89 15.42 7.94
N LYS A 120 -7.10 15.10 8.95
CA LYS A 120 -7.64 14.49 10.16
C LYS A 120 -8.79 15.27 10.77
N GLY A 121 -9.92 14.59 10.99
CA GLY A 121 -11.06 15.22 11.63
C GLY A 121 -12.11 15.71 10.66
N GLN A 122 -11.77 15.78 9.38
CA GLN A 122 -12.68 16.33 8.37
C GLN A 122 -13.46 15.28 7.59
N LYS A 123 -12.97 14.04 7.59
CA LYS A 123 -13.50 13.08 6.64
C LYS A 123 -14.93 12.60 6.99
N GLY A 124 -15.22 12.43 8.27
CA GLY A 124 -16.52 11.93 8.70
C GLY A 124 -17.69 12.77 8.20
N LEU A 125 -17.59 14.08 8.35
CA LEU A 125 -18.66 14.97 7.91
C LEU A 125 -18.72 15.02 6.39
N ALA A 126 -17.56 15.06 5.76
CA ALA A 126 -17.50 15.11 4.31
C ALA A 126 -18.17 13.88 3.69
N LEU A 127 -17.85 12.69 4.20
CA LEU A 127 -18.43 11.45 3.70
C LEU A 127 -19.94 11.41 3.95
N THR A 128 -20.36 11.94 5.09
CA THR A 128 -21.78 12.00 5.43
C THR A 128 -22.52 12.88 4.45
N ARG A 129 -21.95 14.04 4.17
CA ARG A 129 -22.55 14.97 3.22
C ARG A 129 -22.54 14.40 1.81
N MET A 130 -21.53 13.57 1.50
CA MET A 130 -21.45 12.89 0.22
C MET A 130 -22.52 11.81 0.07
N GLY A 131 -23.01 11.31 1.21
CA GLY A 131 -23.97 10.22 1.21
C GLY A 131 -23.31 8.87 1.08
N VAL A 132 -22.04 8.76 1.49
CA VAL A 132 -21.32 7.51 1.38
C VAL A 132 -20.71 7.02 2.70
N ALA A 133 -21.06 7.65 3.80
CA ALA A 133 -20.50 7.26 5.09
C ALA A 133 -20.88 5.84 5.45
N ASP A 134 -19.93 5.13 6.07
CA ASP A 134 -20.13 3.75 6.55
C ASP A 134 -20.35 2.71 5.46
N ARG A 135 -19.99 3.03 4.23
CA ARG A 135 -19.95 2.02 3.18
C ARG A 135 -18.56 1.43 3.09
N VAL A 136 -18.48 0.13 2.81
CA VAL A 136 -17.20 -0.57 2.77
C VAL A 136 -16.25 0.03 1.74
N GLY A 137 -15.15 0.59 2.21
CA GLY A 137 -14.11 1.17 1.36
C GLY A 137 -14.23 2.66 1.04
N SER A 138 -15.34 3.28 1.46
N SER A 138 -15.34 3.28 1.46
CA SER A 138 -15.63 4.66 1.05
CA SER A 138 -15.64 4.66 1.06
C SER A 138 -14.67 5.71 1.61
C SER A 138 -14.75 5.72 1.72
N ARG A 139 -13.90 5.38 2.65
N ARG A 139 -13.86 5.33 2.62
CA ARG A 139 -12.97 6.34 3.23
CA ARG A 139 -12.97 6.33 3.24
C ARG A 139 -11.82 6.74 2.31
C ARG A 139 -11.84 6.74 2.31
N LYS A 140 -11.56 5.93 1.29
CA LYS A 140 -10.42 6.19 0.41
C LYS A 140 -10.78 7.22 -0.65
N VAL A 141 -10.88 8.47 -0.19
CA VAL A 141 -11.03 9.64 -1.06
C VAL A 141 -10.35 10.77 -0.32
N ASP A 142 -9.68 11.67 -1.04
CA ASP A 142 -8.73 12.58 -0.41
C ASP A 142 -9.15 14.03 -0.32
N VAL A 143 -9.71 14.56 -1.40
CA VAL A 143 -10.04 15.97 -1.46
C VAL A 143 -11.51 16.09 -1.89
N MET A 144 -12.31 16.86 -1.18
CA MET A 144 -13.70 16.97 -1.60
C MET A 144 -13.87 18.14 -2.56
N ILE A 145 -14.85 18.03 -3.45
CA ILE A 145 -15.18 19.07 -4.41
C ILE A 145 -16.57 19.58 -4.06
N GLU A 146 -16.69 20.90 -3.95
CA GLU A 146 -17.96 21.55 -3.63
C GLU A 146 -18.30 22.62 -4.65
N LYS A 147 -19.60 22.89 -4.79
CA LYS A 147 -20.08 23.90 -5.71
C LYS A 147 -21.07 24.80 -4.98
N GLN A 148 -20.86 26.11 -5.04
CA GLN A 148 -21.79 27.03 -4.40
C GLN A 148 -23.12 27.01 -5.13
N GLY A 149 -24.20 26.76 -4.39
CA GLY A 149 -25.52 26.66 -4.99
C GLY A 149 -25.80 25.35 -5.69
N GLY A 150 -24.86 24.41 -5.56
CA GLY A 150 -25.04 23.09 -6.15
C GLY A 150 -24.74 21.99 -5.16
N GLY A 151 -24.75 20.75 -5.64
CA GLY A 151 -24.37 19.62 -4.81
C GLY A 151 -25.33 19.27 -3.71
N ARG A 152 -24.88 18.48 -2.75
CA ARG A 152 -25.74 18.04 -1.67
C ARG A 152 -25.23 18.52 -0.31
N SER A 153 -26.16 18.65 0.63
CA SER A 153 -25.85 19.13 1.99
C SER A 153 -25.02 20.41 2.03
N PRO A 154 -25.52 21.52 1.45
CA PRO A 154 -24.74 22.76 1.42
C PRO A 154 -24.33 23.25 2.81
N ASP A 155 -23.13 23.80 2.94
CA ASP A 155 -22.69 24.32 4.24
C ASP A 155 -23.26 25.72 4.46
N ALA A 156 -22.76 26.41 5.48
CA ALA A 156 -23.27 27.73 5.83
C ALA A 156 -23.16 28.74 4.69
N GLU A 157 -22.16 28.58 3.84
CA GLU A 157 -21.92 29.52 2.73
C GLU A 157 -22.60 29.07 1.43
N GLY A 158 -23.31 27.94 1.48
CA GLY A 158 -24.02 27.46 0.31
C GLY A 158 -23.26 26.46 -0.55
N PHE A 159 -22.09 26.04 -0.09
CA PHE A 159 -21.29 25.08 -0.84
C PHE A 159 -21.76 23.65 -0.55
N GLY A 160 -22.26 22.97 -1.59
CA GLY A 160 -22.67 21.58 -1.46
C GLY A 160 -21.68 20.65 -2.14
N VAL A 161 -21.58 19.43 -1.64
N VAL A 161 -21.57 19.43 -1.64
CA VAL A 161 -20.62 18.47 -2.16
CA VAL A 161 -20.57 18.51 -2.18
C VAL A 161 -21.06 17.88 -3.49
C VAL A 161 -21.05 17.87 -3.48
N VAL A 162 -20.14 17.82 -4.45
CA VAL A 162 -20.46 17.31 -5.79
C VAL A 162 -19.55 16.16 -6.19
N GLY A 163 -18.52 15.90 -5.40
CA GLY A 163 -17.64 14.78 -5.66
C GLY A 163 -16.34 14.83 -4.88
N GLY A 164 -15.37 14.05 -5.34
CA GLY A 164 -14.10 14.02 -4.65
C GLY A 164 -12.99 13.62 -5.56
N ILE A 165 -11.76 13.88 -5.09
N ILE A 165 -11.78 13.80 -5.07
CA ILE A 165 -10.52 13.56 -5.80
CA ILE A 165 -10.66 13.37 -5.84
C ILE A 165 -9.75 12.47 -5.06
C ILE A 165 -9.81 12.42 -5.06
N HIS A 166 -9.35 11.42 -5.80
CA HIS A 166 -8.39 10.44 -5.35
C HIS A 166 -7.04 10.93 -5.81
N ALA A 167 -6.24 11.43 -4.86
CA ALA A 167 -4.97 12.08 -5.19
C ALA A 167 -3.85 11.10 -4.90
N LYS A 168 -3.04 10.81 -5.90
CA LYS A 168 -1.93 9.87 -5.71
C LYS A 168 -0.71 10.39 -6.41
N VAL A 169 0.39 10.51 -5.68
CA VAL A 169 1.65 10.82 -6.34
C VAL A 169 2.00 9.72 -7.34
N SER A 170 1.84 8.48 -6.90
CA SER A 170 2.20 7.32 -7.71
C SER A 170 1.09 6.29 -7.58
N LEU A 171 0.90 5.50 -8.63
CA LEU A 171 -0.23 4.59 -8.68
C LEU A 171 0.08 3.21 -8.11
N ALA A 172 1.21 2.63 -8.53
CA ALA A 172 1.58 1.25 -8.17
C ALA A 172 0.33 0.38 -8.26
N GLU A 173 0.06 -0.45 -7.25
CA GLU A 173 -1.25 -1.09 -7.22
C GLU A 173 -2.11 -0.46 -6.14
N ARG A 174 -1.59 0.61 -5.55
CA ARG A 174 -2.29 1.30 -4.49
C ARG A 174 -3.53 2.03 -5.03
N VAL A 175 -3.57 2.29 -6.33
CA VAL A 175 -4.72 2.94 -6.91
C VAL A 175 -5.94 2.00 -6.84
N SER A 176 -5.68 0.70 -6.75
N SER A 176 -5.69 0.69 -6.74
CA SER A 176 -6.76 -0.26 -6.57
CA SER A 176 -6.79 -0.25 -6.60
C SER A 176 -7.51 -0.03 -5.27
C SER A 176 -7.52 -0.04 -5.26
N ASP A 177 -6.83 0.56 -4.29
CA ASP A 177 -7.45 0.93 -3.00
C ASP A 177 -8.60 1.91 -3.22
N ASP A 178 -8.47 2.75 -4.25
CA ASP A 178 -9.45 3.80 -4.54
C ASP A 178 -10.64 3.31 -5.34
N ILE A 179 -10.51 2.17 -6.01
CA ILE A 179 -11.56 1.76 -6.93
C ILE A 179 -12.92 1.49 -6.26
N PRO A 180 -12.93 0.75 -5.13
CA PRO A 180 -14.28 0.57 -4.55
C PRO A 180 -14.91 1.87 -4.08
N ALA A 181 -14.14 2.75 -3.45
CA ALA A 181 -14.67 4.07 -3.07
C ALA A 181 -15.17 4.81 -4.28
N SER A 182 -14.40 4.77 -5.37
CA SER A 182 -14.75 5.52 -6.56
C SER A 182 -16.05 5.01 -7.18
N ARG A 183 -16.19 3.70 -7.26
CA ARG A 183 -17.41 3.13 -7.81
C ARG A 183 -18.62 3.51 -6.97
N ILE A 184 -18.45 3.52 -5.66
CA ILE A 184 -19.52 3.90 -4.75
C ILE A 184 -19.92 5.36 -4.99
N MET A 185 -18.91 6.23 -5.06
CA MET A 185 -19.17 7.65 -5.33
C MET A 185 -19.91 7.87 -6.65
N MET A 186 -19.44 7.24 -7.72
CA MET A 186 -20.04 7.44 -9.03
C MET A 186 -21.47 6.90 -9.02
N GLY A 187 -21.68 5.82 -8.29
CA GLY A 187 -23.02 5.24 -8.14
C GLY A 187 -23.98 6.18 -7.44
N GLU A 188 -23.45 7.06 -6.59
CA GLU A 188 -24.28 8.05 -5.90
C GLU A 188 -24.29 9.38 -6.62
N GLY A 189 -23.92 9.37 -7.89
CA GLY A 189 -23.97 10.57 -8.71
C GLY A 189 -22.93 11.61 -8.38
N LEU A 190 -21.83 11.18 -7.76
CA LEU A 190 -20.75 12.11 -7.45
C LEU A 190 -19.62 12.02 -8.47
N LEU A 191 -18.94 13.14 -8.70
CA LEU A 191 -17.70 13.09 -9.48
C LEU A 191 -16.64 12.37 -8.67
N SER A 192 -15.91 11.48 -9.33
CA SER A 192 -14.80 10.78 -8.67
C SER A 192 -13.57 10.84 -9.57
N VAL A 193 -12.69 11.79 -9.27
CA VAL A 193 -11.56 12.08 -10.16
C VAL A 193 -10.29 11.45 -9.60
N LEU A 194 -9.52 10.84 -10.48
CA LEU A 194 -8.15 10.41 -10.16
C LEU A 194 -7.17 11.48 -10.61
N SER A 195 -6.51 12.12 -9.65
N SER A 195 -6.52 12.16 -9.68
CA SER A 195 -5.49 13.11 -9.95
CA SER A 195 -5.47 13.08 -10.09
C SER A 195 -4.16 12.53 -9.53
C SER A 195 -4.16 12.60 -9.54
N THR A 196 -3.17 12.55 -10.42
CA THR A 196 -1.94 11.88 -10.12
C THR A 196 -0.75 12.57 -10.72
N LEU A 197 0.40 12.43 -10.06
CA LEU A 197 1.66 12.84 -10.65
C LEU A 197 2.23 11.71 -11.49
N ASP A 198 1.62 10.53 -11.40
CA ASP A 198 2.05 9.33 -12.14
C ASP A 198 3.57 9.17 -12.06
N VAL A 199 4.09 9.22 -10.84
CA VAL A 199 5.52 9.04 -10.62
C VAL A 199 5.91 7.56 -10.66
N LYS A 200 6.85 7.23 -11.54
CA LYS A 200 7.57 5.96 -11.46
C LYS A 200 8.80 6.01 -12.33
N SER A 201 9.95 5.96 -11.68
N SER A 201 9.95 5.93 -11.70
CA SER A 201 11.22 5.73 -12.34
CA SER A 201 11.20 5.73 -12.43
C SER A 201 11.75 4.38 -11.89
C SER A 201 11.90 4.52 -11.84
N PHE A 202 12.65 3.81 -12.67
CA PHE A 202 13.38 2.65 -12.21
C PHE A 202 14.82 3.11 -12.03
N PRO A 203 15.31 3.13 -10.79
CA PRO A 203 16.68 3.56 -10.59
C PRO A 203 17.64 2.45 -10.96
N PRO A 204 18.86 2.80 -11.37
CA PRO A 204 19.86 1.73 -11.51
C PRO A 204 19.99 1.02 -10.17
N PRO A 205 20.20 -0.31 -10.19
CA PRO A 205 20.42 -1.18 -11.35
C PRO A 205 19.16 -1.76 -12.00
N HIS A 206 18.04 -1.07 -11.85
CA HIS A 206 16.76 -1.61 -12.31
C HIS A 206 16.19 -0.89 -13.53
N GLY A 207 16.82 0.22 -13.90
CA GLY A 207 16.38 1.00 -15.04
C GLY A 207 17.24 2.23 -15.26
N ASP A 208 16.71 3.19 -16.02
CA ASP A 208 17.46 4.36 -16.43
C ASP A 208 16.99 5.67 -15.81
N LEU A 209 16.22 5.57 -14.72
CA LEU A 209 15.73 6.72 -13.95
C LEU A 209 14.77 7.65 -14.68
N VAL A 210 14.44 7.35 -15.93
CA VAL A 210 13.48 8.17 -16.64
C VAL A 210 12.08 7.92 -16.09
N ASN A 211 11.40 8.99 -15.71
CA ASN A 211 10.13 8.91 -15.01
C ASN A 211 8.95 8.74 -15.96
N ARG A 212 8.73 7.50 -16.40
CA ARG A 212 7.76 7.21 -17.44
C ARG A 212 6.36 6.95 -16.89
N GLY A 213 6.24 6.81 -15.57
CA GLY A 213 4.94 6.54 -14.99
C GLY A 213 4.48 5.11 -15.20
N GLU A 214 3.21 4.84 -14.88
N GLU A 214 3.22 4.83 -14.85
CA GLU A 214 2.71 3.47 -14.81
CA GLU A 214 2.71 3.46 -14.83
C GLU A 214 1.40 3.27 -15.57
C GLU A 214 1.41 3.26 -15.61
N LEU A 215 1.12 4.15 -16.54
CA LEU A 215 -0.14 4.08 -17.27
C LEU A 215 -0.01 3.50 -18.68
N GLY A 216 1.20 3.15 -19.10
CA GLY A 216 1.37 2.55 -20.41
C GLY A 216 0.84 3.42 -21.53
N THR A 217 0.35 2.80 -22.60
CA THR A 217 -0.20 3.51 -23.73
C THR A 217 -1.55 2.91 -24.10
N PRO A 218 -2.36 3.62 -24.89
CA PRO A 218 -3.61 2.99 -25.35
C PRO A 218 -3.37 1.66 -26.08
N ASP A 219 -2.33 1.61 -26.91
CA ASP A 219 -2.01 0.40 -27.66
C ASP A 219 -1.40 -0.66 -26.76
N ARG A 220 -0.74 -0.23 -25.69
CA ARG A 220 -0.07 -1.16 -24.80
C ARG A 220 -0.36 -0.79 -23.35
N PRO A 221 -1.59 -1.05 -22.90
CA PRO A 221 -2.00 -0.52 -21.59
C PRO A 221 -1.42 -1.29 -20.41
N SER A 222 -1.23 -0.58 -19.30
CA SER A 222 -0.97 -1.23 -18.03
C SER A 222 -2.32 -1.58 -17.42
N ASP A 223 -2.32 -2.36 -16.35
CA ASP A 223 -3.60 -2.72 -15.74
C ASP A 223 -4.30 -1.48 -15.20
N LYS A 224 -3.50 -0.48 -14.82
CA LYS A 224 -4.06 0.77 -14.33
C LYS A 224 -4.80 1.54 -15.41
N ARG A 225 -4.28 1.54 -16.63
N ARG A 225 -4.26 1.53 -16.63
CA ARG A 225 -4.98 2.22 -17.71
CA ARG A 225 -4.93 2.18 -17.74
C ARG A 225 -6.29 1.49 -18.01
C ARG A 225 -6.25 1.49 -18.04
N ASN A 226 -6.27 0.17 -17.87
CA ASN A 226 -7.47 -0.64 -18.05
C ASN A 226 -8.54 -0.31 -17.02
N TYR A 227 -8.14 0.00 -15.78
CA TYR A 227 -9.09 0.42 -14.75
C TYR A 227 -9.91 1.60 -15.22
N ILE A 228 -9.22 2.56 -15.85
CA ILE A 228 -9.83 3.80 -16.28
C ILE A 228 -10.55 3.70 -17.62
N GLU A 229 -9.80 3.31 -18.65
CA GLU A 229 -10.33 3.30 -20.01
C GLU A 229 -11.22 2.11 -20.29
N GLY A 230 -10.98 1.00 -19.60
CA GLY A 230 -11.75 -0.21 -19.84
C GLY A 230 -12.92 -0.36 -18.89
N HIS A 231 -12.62 -0.37 -17.59
CA HIS A 231 -13.62 -0.60 -16.57
C HIS A 231 -14.40 0.67 -16.16
N GLY A 232 -13.83 1.83 -16.45
CA GLY A 232 -14.45 3.10 -16.10
C GLY A 232 -14.55 3.33 -14.60
N ASP A 233 -13.47 3.00 -13.89
CA ASP A 233 -13.48 3.04 -12.43
C ASP A 233 -13.41 4.46 -11.85
N PHE A 234 -13.16 5.46 -12.69
CA PHE A 234 -13.09 6.87 -12.27
C PHE A 234 -13.80 7.75 -13.29
N SER A 235 -14.29 8.91 -12.84
CA SER A 235 -14.98 9.84 -13.74
C SER A 235 -14.03 10.34 -14.81
N ALA A 236 -12.79 10.56 -14.40
CA ALA A 236 -11.74 11.06 -15.28
C ALA A 236 -10.42 10.95 -14.53
N CYS A 237 -9.32 10.94 -15.27
CA CYS A 237 -7.99 10.91 -14.68
C CYS A 237 -7.18 12.06 -15.24
N PHE A 238 -6.51 12.78 -14.34
CA PHE A 238 -5.64 13.87 -14.73
C PHE A 238 -4.25 13.57 -14.23
N SER A 239 -3.31 13.47 -15.17
CA SER A 239 -1.92 13.21 -14.83
C SER A 239 -1.08 14.45 -15.07
N TYR A 240 -0.11 14.67 -14.19
CA TYR A 240 0.78 15.80 -14.35
C TYR A 240 2.19 15.32 -14.63
N ASN A 241 2.27 14.09 -15.13
CA ASN A 241 3.50 13.61 -15.75
C ASN A 241 3.39 13.84 -17.24
N LEU A 242 4.20 14.75 -17.77
CA LEU A 242 4.12 15.05 -19.21
C LEU A 242 4.39 13.82 -20.10
N ARG A 243 4.98 12.76 -19.53
CA ARG A 243 5.21 11.52 -20.28
C ARG A 243 4.03 10.56 -20.31
N THR A 244 3.03 10.82 -19.48
CA THR A 244 1.82 9.99 -19.50
C THR A 244 1.17 10.11 -20.87
N SER A 245 0.79 8.99 -21.45
CA SER A 245 0.07 9.02 -22.71
C SER A 245 -1.40 9.30 -22.46
N PRO A 246 -1.94 10.34 -23.09
CA PRO A 246 -3.37 10.61 -22.93
C PRO A 246 -4.21 9.54 -23.62
N SER A 247 -5.47 9.46 -23.23
CA SER A 247 -6.42 8.59 -23.88
C SER A 247 -6.64 8.99 -25.33
N ASN A 248 -6.95 8.03 -26.18
CA ASN A 248 -7.44 8.33 -27.52
C ASN A 248 -8.80 9.05 -27.41
N ALA A 249 -9.32 9.50 -28.56
CA ALA A 249 -10.56 10.26 -28.58
C ALA A 249 -11.72 9.47 -27.99
N THR A 250 -11.71 8.15 -28.17
CA THR A 250 -12.72 7.29 -27.60
C THR A 250 -12.10 6.19 -26.77
N THR A 251 -12.75 5.85 -25.66
CA THR A 251 -12.36 4.71 -24.85
C THR A 251 -13.60 3.84 -24.64
N PRO A 252 -13.40 2.54 -24.39
CA PRO A 252 -14.53 1.63 -24.19
C PRO A 252 -15.46 2.09 -23.06
N SER A 253 -14.88 2.63 -22.00
CA SER A 253 -15.68 3.07 -20.86
C SER A 253 -16.23 4.49 -21.02
N GLY A 254 -15.64 5.25 -21.93
CA GLY A 254 -16.00 6.65 -22.09
C GLY A 254 -15.25 7.57 -21.13
N ARG A 255 -14.41 6.97 -20.29
CA ARG A 255 -13.62 7.71 -19.31
C ARG A 255 -12.22 7.92 -19.86
N HIS A 256 -11.63 9.08 -19.56
CA HIS A 256 -10.38 9.46 -20.19
C HIS A 256 -9.26 9.79 -19.22
N ILE A 257 -8.03 9.59 -19.68
CA ILE A 257 -6.83 10.10 -19.04
C ILE A 257 -6.40 11.38 -19.75
N TYR A 258 -6.31 12.47 -18.99
CA TYR A 258 -5.85 13.76 -19.49
C TYR A 258 -4.47 14.08 -18.91
N VAL A 259 -3.68 14.83 -19.65
CA VAL A 259 -2.29 15.10 -19.27
C VAL A 259 -1.99 16.58 -19.42
N SER A 260 -1.38 17.18 -18.40
CA SER A 260 -1.04 18.60 -18.46
C SER A 260 0.09 18.97 -17.54
N GLY A 261 0.61 20.18 -17.72
CA GLY A 261 1.50 20.78 -16.75
C GLY A 261 0.69 21.16 -15.52
N PHE A 262 1.35 21.62 -14.47
CA PHE A 262 0.68 21.86 -13.20
C PHE A 262 0.40 23.35 -12.98
N SER A 263 1.42 24.17 -13.18
CA SER A 263 1.24 25.61 -12.99
C SER A 263 0.42 26.21 -14.12
N GLY A 264 -0.23 27.33 -13.84
CA GLY A 264 -1.06 28.01 -14.82
C GLY A 264 -2.34 28.56 -14.20
N GLN A 265 -3.29 28.93 -15.07
CA GLN A 265 -4.62 29.33 -14.63
C GLN A 265 -5.63 28.24 -14.94
N ASP A 266 -6.48 28.47 -15.94
CA ASP A 266 -7.41 27.44 -16.39
C ASP A 266 -6.68 26.33 -17.14
N ASP A 267 -7.13 25.09 -16.95
CA ASP A 267 -6.59 23.97 -17.71
C ASP A 267 -7.68 22.91 -17.96
N GLU A 268 -7.28 21.75 -18.47
CA GLU A 268 -8.25 20.71 -18.76
C GLU A 268 -9.02 20.28 -17.52
N PHE A 269 -8.36 20.29 -16.37
CA PHE A 269 -9.03 19.90 -15.12
C PHE A 269 -10.11 20.90 -14.71
N THR A 270 -9.78 22.19 -14.72
CA THR A 270 -10.75 23.20 -14.34
C THR A 270 -11.89 23.28 -15.38
N ASP A 271 -11.52 23.18 -16.66
CA ASP A 271 -12.54 23.14 -17.71
C ASP A 271 -13.50 21.97 -17.49
N TYR A 272 -12.94 20.84 -17.08
CA TYR A 272 -13.72 19.64 -16.81
C TYR A 272 -14.70 19.85 -15.66
N LEU A 273 -14.21 20.36 -14.54
CA LEU A 273 -15.08 20.62 -13.39
C LEU A 273 -16.17 21.64 -13.74
N VAL A 274 -15.79 22.71 -14.45
CA VAL A 274 -16.75 23.75 -14.78
C VAL A 274 -17.85 23.19 -15.67
N ALA A 275 -17.47 22.40 -16.67
CA ALA A 275 -18.43 21.80 -17.59
C ALA A 275 -19.33 20.79 -16.88
N GLN A 276 -18.74 19.96 -16.02
CA GLN A 276 -19.51 18.95 -15.30
C GLN A 276 -20.49 19.54 -14.28
N LEU A 277 -20.17 20.72 -13.77
CA LEU A 277 -20.91 21.28 -12.63
C LEU A 277 -21.76 22.48 -12.98
N ALA A 278 -21.83 22.83 -14.27
CA ALA A 278 -22.59 24.00 -14.68
C ALA A 278 -24.09 23.68 -14.79
N MET B 1 15.15 -13.47 26.36
CA MET B 1 16.35 -12.64 26.42
C MET B 1 16.04 -11.18 26.25
N ARG B 2 16.96 -10.33 26.72
CA ARG B 2 16.89 -8.91 26.44
C ARG B 2 17.60 -8.63 25.12
N LEU B 3 16.85 -8.11 24.16
CA LEU B 3 17.43 -7.76 22.87
C LEU B 3 17.77 -6.28 22.86
N ASP B 4 19.05 -5.97 22.63
CA ASP B 4 19.50 -4.59 22.59
C ASP B 4 19.59 -4.10 21.15
N LEU B 5 19.03 -2.92 20.89
CA LEU B 5 18.95 -2.42 19.52
C LEU B 5 19.51 -1.01 19.39
N ASP B 6 20.22 -0.78 18.29
CA ASP B 6 20.74 0.55 17.97
C ASP B 6 20.07 1.07 16.70
N PHE B 7 19.50 2.26 16.76
CA PHE B 7 18.67 2.78 15.67
C PHE B 7 19.34 3.89 14.86
N GLY B 8 20.65 4.05 15.03
CA GLY B 8 21.32 5.22 14.49
C GLY B 8 21.60 6.13 15.66
N ARG B 9 22.83 6.03 16.17
CA ARG B 9 23.26 6.65 17.43
C ARG B 9 22.83 8.12 17.59
N GLY B 10 22.63 8.55 18.83
CA GLY B 10 22.79 7.70 19.99
C GLY B 10 21.48 7.10 20.45
N LEU B 11 20.52 7.06 19.53
CA LEU B 11 19.20 6.47 19.81
C LEU B 11 19.28 4.96 20.02
N VAL B 12 19.32 4.55 21.29
CA VAL B 12 19.41 3.14 21.65
C VAL B 12 18.21 2.72 22.51
N ALA B 13 17.75 1.48 22.31
CA ALA B 13 16.62 0.95 23.05
C ALA B 13 16.78 -0.56 23.22
N HIS B 14 15.89 -1.17 23.99
CA HIS B 14 15.89 -2.62 24.16
C HIS B 14 14.47 -3.14 24.26
N VAL B 15 14.28 -4.42 23.96
CA VAL B 15 12.96 -5.03 24.02
C VAL B 15 13.09 -6.49 24.44
N MET B 16 12.13 -6.97 25.21
N MET B 16 12.12 -6.98 25.19
CA MET B 16 12.12 -8.36 25.68
CA MET B 16 12.17 -8.36 25.66
C MET B 16 11.70 -9.31 24.57
C MET B 16 11.73 -9.36 24.59
N LEU B 17 12.44 -10.41 24.44
N LEU B 17 12.53 -10.40 24.40
CA LEU B 17 12.13 -11.45 23.48
CA LEU B 17 12.22 -11.50 23.51
C LEU B 17 11.84 -12.74 24.22
C LEU B 17 11.87 -12.74 24.32
N ASP B 18 10.58 -12.94 24.57
CA ASP B 18 10.16 -14.05 25.44
C ASP B 18 10.44 -15.42 24.83
N ASN B 19 10.94 -16.32 25.68
CA ASN B 19 11.21 -17.70 25.30
C ASN B 19 12.22 -17.84 24.16
N VAL B 20 13.17 -16.90 24.13
CA VAL B 20 14.32 -17.01 23.24
C VAL B 20 15.58 -16.77 24.06
N SER B 21 16.43 -17.79 24.15
CA SER B 21 17.70 -17.62 24.87
C SER B 21 18.75 -16.99 23.95
N GLU B 22 19.84 -16.50 24.53
CA GLU B 22 20.94 -15.94 23.75
C GLU B 22 21.51 -16.96 22.78
N GLU B 23 21.66 -18.20 23.25
CA GLU B 23 22.18 -19.27 22.42
C GLU B 23 21.23 -19.61 21.27
N GLN B 24 19.93 -19.55 21.55
CA GLN B 24 18.90 -19.82 20.53
C GLN B 24 18.88 -18.74 19.46
N TYR B 25 18.97 -17.49 19.89
CA TYR B 25 19.12 -16.36 18.97
C TYR B 25 20.35 -16.56 18.08
N GLN B 26 21.47 -16.92 18.69
CA GLN B 26 22.70 -17.14 17.96
C GLN B 26 22.51 -18.26 16.94
N GLN B 27 21.79 -19.30 17.35
CA GLN B 27 21.50 -20.43 16.48
C GLN B 27 20.73 -19.99 15.24
N ILE B 28 19.70 -19.18 15.45
CA ILE B 28 18.89 -18.66 14.36
C ILE B 28 19.70 -17.74 13.46
N SER B 29 20.49 -16.87 14.07
CA SER B 29 21.35 -15.95 13.31
C SER B 29 22.37 -16.73 12.45
N ASP B 30 22.99 -17.75 13.04
CA ASP B 30 23.97 -18.56 12.31
C ASP B 30 23.38 -19.23 11.08
N TYR B 31 22.11 -19.60 11.16
CA TYR B 31 21.42 -20.23 10.03
C TYR B 31 21.06 -19.20 8.97
N PHE B 32 20.55 -18.05 9.42
CA PHE B 32 19.93 -17.05 8.54
C PHE B 32 20.91 -16.13 7.84
N VAL B 33 21.89 -15.62 8.59
CA VAL B 33 22.81 -14.61 8.05
C VAL B 33 23.51 -15.05 6.76
N PRO B 34 24.02 -16.31 6.68
CA PRO B 34 24.65 -16.69 5.41
C PRO B 34 23.70 -16.75 4.22
N LEU B 35 22.39 -16.85 4.49
CA LEU B 35 21.42 -16.99 3.43
C LEU B 35 21.01 -15.63 2.87
N VAL B 36 21.18 -14.58 3.67
CA VAL B 36 20.69 -13.25 3.32
C VAL B 36 21.29 -12.73 2.01
N ASN B 37 22.58 -13.00 1.79
CA ASN B 37 23.24 -12.52 0.59
C ASN B 37 23.77 -13.64 -0.30
N LYS B 38 23.21 -14.84 -0.12
CA LYS B 38 23.66 -15.99 -0.90
C LYS B 38 23.23 -15.86 -2.35
N PRO B 39 24.19 -15.84 -3.28
CA PRO B 39 23.87 -15.76 -4.70
C PRO B 39 22.93 -16.89 -5.14
N LYS B 40 21.97 -16.54 -6.01
CA LYS B 40 21.02 -17.50 -6.59
C LYS B 40 20.08 -18.15 -5.57
N LEU B 41 20.09 -17.66 -4.33
CA LEU B 41 19.02 -18.00 -3.38
C LEU B 41 18.11 -16.80 -3.22
N LYS B 42 16.89 -16.90 -3.73
N LYS B 42 16.88 -16.90 -3.73
CA LYS B 42 15.89 -15.84 -3.56
CA LYS B 42 15.90 -15.82 -3.56
C LYS B 42 15.68 -15.58 -2.07
C LYS B 42 15.67 -15.58 -2.07
N SER B 43 15.65 -14.31 -1.67
CA SER B 43 15.49 -13.99 -0.26
C SER B 43 14.12 -14.38 0.30
N ARG B 44 13.12 -14.51 -0.56
CA ARG B 44 11.84 -15.04 -0.08
C ARG B 44 12.05 -16.46 0.44
N ASP B 45 12.97 -17.19 -0.18
CA ASP B 45 13.27 -18.53 0.28
C ASP B 45 14.17 -18.50 1.52
N ALA B 46 15.15 -17.61 1.53
CA ALA B 46 16.03 -17.47 2.68
C ALA B 46 15.23 -17.13 3.94
N ILE B 47 14.36 -16.14 3.83
CA ILE B 47 13.55 -15.70 4.95
C ILE B 47 12.50 -16.74 5.35
N GLY B 48 11.82 -17.30 4.36
CA GLY B 48 10.80 -18.31 4.62
C GLY B 48 11.38 -19.53 5.29
N GLN B 49 12.51 -20.01 4.77
CA GLN B 49 13.18 -21.17 5.34
C GLN B 49 13.69 -20.88 6.75
N ALA B 50 14.25 -19.69 6.95
CA ALA B 50 14.74 -19.32 8.26
C ALA B 50 13.61 -19.20 9.29
N PHE B 51 12.43 -18.80 8.84
CA PHE B 51 11.31 -18.66 9.76
C PHE B 51 10.80 -20.01 10.22
N VAL B 52 10.75 -20.97 9.31
CA VAL B 52 10.38 -22.34 9.66
C VAL B 52 11.40 -22.91 10.64
N MET B 53 12.67 -22.65 10.38
CA MET B 53 13.75 -23.08 11.25
C MET B 53 13.62 -22.44 12.64
N ALA B 54 13.44 -21.12 12.67
CA ALA B 54 13.45 -20.38 13.93
C ALA B 54 12.31 -20.76 14.85
N THR B 55 11.15 -21.07 14.27
CA THR B 55 9.99 -21.43 15.08
C THR B 55 10.11 -22.85 15.62
N GLU B 56 10.98 -23.64 15.00
CA GLU B 56 11.28 -24.98 15.50
C GLU B 56 12.29 -24.90 16.64
N VAL B 57 13.25 -24.02 16.51
CA VAL B 57 14.23 -23.78 17.56
C VAL B 57 13.56 -23.21 18.81
N CYS B 58 12.68 -22.24 18.59
CA CYS B 58 11.97 -21.59 19.69
C CYS B 58 10.46 -21.76 19.57
N PRO B 59 9.97 -22.97 19.85
CA PRO B 59 8.55 -23.26 19.68
C PRO B 59 7.65 -22.51 20.67
N ASP B 60 8.24 -21.94 21.71
CA ASP B 60 7.45 -21.23 22.72
C ASP B 60 7.52 -19.73 22.55
N ALA B 61 8.37 -19.27 21.63
CA ALA B 61 8.49 -17.86 21.34
C ALA B 61 7.30 -17.39 20.52
N ASN B 62 7.02 -16.09 20.58
CA ASN B 62 6.03 -15.46 19.71
C ASN B 62 6.57 -15.46 18.27
N PRO B 63 5.91 -16.20 17.36
CA PRO B 63 6.41 -16.31 15.98
C PRO B 63 6.54 -14.93 15.32
N SER B 64 5.58 -14.06 15.60
CA SER B 64 5.61 -12.71 15.05
C SER B 64 6.84 -11.95 15.51
N ASP B 65 7.23 -12.16 16.77
CA ASP B 65 8.45 -11.55 17.30
C ASP B 65 9.70 -12.11 16.63
N LEU B 66 9.69 -13.41 16.32
CA LEU B 66 10.82 -13.98 15.60
C LEU B 66 10.91 -13.36 14.21
N TRP B 67 9.77 -13.15 13.56
CA TRP B 67 9.76 -12.50 12.26
C TRP B 67 10.26 -11.06 12.33
N HIS B 68 9.70 -10.32 13.27
CA HIS B 68 9.85 -8.87 13.36
C HIS B 68 11.14 -8.42 14.05
N HIS B 69 11.45 -9.03 15.18
CA HIS B 69 12.57 -8.58 15.99
C HIS B 69 13.84 -9.34 15.67
N VAL B 70 13.70 -10.52 15.07
CA VAL B 70 14.87 -11.32 14.73
C VAL B 70 15.16 -11.28 13.23
N LEU B 71 14.31 -11.89 12.40
CA LEU B 71 14.62 -11.98 10.97
C LEU B 71 14.68 -10.60 10.29
N TYR B 72 13.66 -9.78 10.52
CA TYR B 72 13.62 -8.42 9.97
C TYR B 72 14.84 -7.59 10.33
N ARG B 73 15.14 -7.52 11.62
CA ARG B 73 16.21 -6.63 12.06
C ARG B 73 17.57 -7.15 11.62
N ILE B 74 17.74 -8.47 11.57
CA ILE B 74 18.98 -9.04 11.07
C ILE B 74 19.10 -8.80 9.56
N TYR B 75 18.00 -8.96 8.83
CA TYR B 75 18.01 -8.74 7.38
C TYR B 75 18.42 -7.31 7.05
N ILE B 76 17.84 -6.34 7.76
CA ILE B 76 18.16 -4.93 7.55
C ILE B 76 19.64 -4.66 7.80
N ARG B 77 20.17 -5.30 8.83
CA ARG B 77 21.56 -5.10 9.23
C ARG B 77 22.53 -5.74 8.24
N GLU B 78 22.14 -6.88 7.68
CA GLU B 78 23.07 -7.70 6.92
C GLU B 78 22.94 -7.63 5.39
N LYS B 79 21.81 -7.17 4.87
CA LYS B 79 21.59 -7.21 3.42
C LYS B 79 22.53 -6.23 2.69
N ILE B 80 23.17 -6.75 1.64
CA ILE B 80 24.18 -6.01 0.89
C ILE B 80 23.76 -5.82 -0.57
N GLY B 81 24.16 -4.70 -1.16
CA GLY B 81 24.10 -4.53 -2.60
C GLY B 81 22.74 -4.08 -3.09
N THR B 82 21.88 -3.71 -2.15
CA THR B 82 20.51 -3.32 -2.45
C THR B 82 19.96 -2.68 -1.19
N ASP B 83 18.95 -1.82 -1.33
CA ASP B 83 18.41 -1.13 -0.16
C ASP B 83 17.75 -2.12 0.78
N PRO B 84 18.24 -2.21 2.02
CA PRO B 84 17.71 -3.24 2.92
C PRO B 84 16.20 -3.14 3.18
N SER B 85 15.70 -1.95 3.51
CA SER B 85 14.28 -1.83 3.84
C SER B 85 13.37 -2.17 2.65
N GLN B 86 13.70 -1.68 1.47
CA GLN B 86 12.85 -1.94 0.30
C GLN B 86 13.02 -3.37 -0.20
N SER B 87 14.23 -3.91 -0.05
CA SER B 87 14.43 -5.33 -0.33
C SER B 87 13.55 -6.17 0.59
N TRP B 88 13.53 -5.80 1.87
CA TRP B 88 12.72 -6.50 2.85
C TRP B 88 11.26 -6.49 2.46
N VAL B 89 10.76 -5.32 2.02
CA VAL B 89 9.37 -5.24 1.58
C VAL B 89 9.08 -6.26 0.47
N ARG B 90 9.97 -6.29 -0.53
CA ARG B 90 9.74 -7.09 -1.72
C ARG B 90 9.88 -8.58 -1.44
N THR B 91 10.71 -8.94 -0.48
CA THR B 91 11.03 -10.35 -0.28
C THR B 91 10.26 -10.97 0.87
N SER B 92 9.90 -10.17 1.88
CA SER B 92 9.32 -10.75 3.08
C SER B 92 7.84 -11.10 2.92
N GLY B 93 7.12 -10.38 2.08
CA GLY B 93 5.72 -10.71 1.85
C GLY B 93 5.61 -12.09 1.26
N GLU B 94 6.38 -12.31 0.20
CA GLU B 94 6.39 -13.61 -0.47
C GLU B 94 7.03 -14.69 0.42
N ALA B 95 7.96 -14.29 1.28
CA ALA B 95 8.56 -15.19 2.25
C ALA B 95 7.54 -15.83 3.18
N PHE B 96 6.56 -15.02 3.59
CA PHE B 96 5.53 -15.53 4.49
C PHE B 96 4.72 -16.60 3.77
N GLU B 97 4.42 -16.37 2.50
CA GLU B 97 3.76 -17.39 1.67
C GLU B 97 4.61 -18.65 1.61
N VAL B 98 5.91 -18.49 1.41
CA VAL B 98 6.82 -19.63 1.30
C VAL B 98 6.79 -20.46 2.58
N ALA B 99 6.83 -19.77 3.72
CA ALA B 99 6.83 -20.42 5.01
C ALA B 99 5.52 -21.19 5.24
N LEU B 100 4.40 -20.57 4.88
CA LEU B 100 3.09 -21.22 5.02
C LEU B 100 3.05 -22.53 4.25
N VAL B 101 3.49 -22.47 3.00
CA VAL B 101 3.46 -23.65 2.14
C VAL B 101 4.41 -24.73 2.69
N GLU B 102 5.63 -24.33 3.05
CA GLU B 102 6.62 -25.27 3.60
C GLU B 102 6.15 -25.90 4.89
N ARG B 103 5.63 -25.09 5.81
CA ARG B 103 5.25 -25.57 7.13
C ARG B 103 4.04 -26.48 7.08
N TYR B 104 3.06 -26.15 6.25
CA TYR B 104 1.79 -26.88 6.31
C TYR B 104 1.61 -27.97 5.29
N ASN B 105 2.25 -27.90 4.11
CA ASN B 105 1.97 -28.92 3.10
C ASN B 105 2.26 -30.37 3.52
N PRO B 106 3.36 -30.64 4.27
CA PRO B 106 3.58 -32.05 4.64
C PRO B 106 2.53 -32.63 5.59
N VAL B 107 1.97 -31.78 6.46
N VAL B 107 1.95 -31.80 6.45
CA VAL B 107 0.91 -32.20 7.38
CA VAL B 107 0.92 -32.29 7.36
C VAL B 107 -0.42 -32.35 6.63
C VAL B 107 -0.44 -32.34 6.65
N LEU B 108 -0.63 -31.49 5.64
CA LEU B 108 -1.89 -31.48 4.89
C LEU B 108 -1.91 -32.55 3.80
N ALA B 109 -0.73 -33.04 3.41
CA ALA B 109 -0.61 -34.03 2.33
C ALA B 109 -1.36 -35.33 2.64
N ARG B 110 -1.36 -35.72 3.91
CA ARG B 110 -2.07 -36.91 4.37
C ARG B 110 -3.57 -36.83 4.10
N HIS B 111 -4.07 -35.61 3.91
CA HIS B 111 -5.49 -35.37 3.75
C HIS B 111 -5.83 -35.01 2.31
N GLY B 112 -4.82 -35.04 1.45
CA GLY B 112 -5.02 -34.67 0.07
C GLY B 112 -5.19 -33.18 -0.12
N ILE B 113 -4.80 -32.41 0.89
CA ILE B 113 -4.92 -30.96 0.79
C ILE B 113 -3.56 -30.36 0.44
N ARG B 114 -3.56 -29.36 -0.44
CA ARG B 114 -2.29 -28.79 -0.89
C ARG B 114 -2.38 -27.27 -1.00
N LEU B 115 -1.39 -26.59 -0.46
CA LEU B 115 -1.27 -25.14 -0.60
C LEU B 115 -0.28 -24.82 -1.72
N THR B 116 -0.58 -23.78 -2.49
CA THR B 116 0.35 -23.33 -3.52
C THR B 116 0.46 -21.82 -3.51
N ALA B 117 1.68 -21.30 -3.35
CA ALA B 117 1.86 -19.86 -3.39
C ALA B 117 1.70 -19.37 -4.80
N LEU B 118 0.85 -18.37 -4.97
CA LEU B 118 0.55 -17.82 -6.28
C LEU B 118 1.51 -16.69 -6.57
N PHE B 119 2.75 -17.07 -6.86
CA PHE B 119 3.76 -16.09 -7.24
C PHE B 119 3.44 -15.65 -8.67
N LYS B 120 4.19 -14.67 -9.17
CA LYS B 120 3.98 -14.12 -10.51
C LYS B 120 3.75 -15.24 -11.54
N GLY B 121 2.60 -15.20 -12.21
CA GLY B 121 2.29 -16.17 -13.24
C GLY B 121 1.33 -17.28 -12.85
N GLN B 122 1.08 -17.44 -11.56
CA GLN B 122 0.22 -18.53 -11.09
C GLN B 122 -1.17 -18.05 -10.72
N LYS B 123 -1.32 -16.73 -10.61
CA LYS B 123 -2.50 -16.15 -9.97
C LYS B 123 -3.71 -16.15 -10.89
N GLY B 124 -3.51 -15.76 -12.14
CA GLY B 124 -4.60 -15.61 -13.10
C GLY B 124 -5.45 -16.85 -13.27
N LEU B 125 -4.80 -17.98 -13.49
CA LEU B 125 -5.52 -19.24 -13.63
C LEU B 125 -6.20 -19.63 -12.33
N ALA B 126 -5.51 -19.43 -11.21
CA ALA B 126 -6.07 -19.74 -9.90
C ALA B 126 -7.33 -18.93 -9.62
N LEU B 127 -7.27 -17.62 -9.84
CA LEU B 127 -8.41 -16.76 -9.58
C LEU B 127 -9.59 -17.14 -10.48
N THR B 128 -9.29 -17.57 -11.70
CA THR B 128 -10.33 -18.03 -12.62
C THR B 128 -11.04 -19.26 -12.05
N ARG B 129 -10.26 -20.21 -11.56
CA ARG B 129 -10.81 -21.41 -10.96
C ARG B 129 -11.54 -21.09 -9.65
N MET B 130 -11.16 -20.00 -9.00
CA MET B 130 -11.82 -19.56 -7.76
C MET B 130 -13.11 -18.78 -8.05
N GLY B 131 -13.34 -18.46 -9.31
CA GLY B 131 -14.51 -17.72 -9.74
C GLY B 131 -14.45 -16.22 -9.49
N VAL B 132 -13.25 -15.68 -9.26
CA VAL B 132 -13.14 -14.25 -8.97
C VAL B 132 -12.18 -13.51 -9.90
N ALA B 133 -11.95 -14.07 -11.09
CA ALA B 133 -11.11 -13.41 -12.07
C ALA B 133 -11.68 -12.04 -12.43
N ASP B 134 -10.80 -11.03 -12.48
CA ASP B 134 -11.16 -9.66 -12.84
C ASP B 134 -12.17 -9.03 -11.89
N ARG B 135 -12.30 -9.59 -10.70
CA ARG B 135 -13.05 -8.95 -9.62
C ARG B 135 -12.10 -8.04 -8.86
N VAL B 136 -12.58 -6.86 -8.48
CA VAL B 136 -11.72 -5.91 -7.78
C VAL B 136 -11.24 -6.52 -6.46
N GLY B 137 -9.93 -6.47 -6.24
CA GLY B 137 -9.34 -6.99 -5.02
C GLY B 137 -9.00 -8.47 -5.03
N SER B 138 -9.32 -9.17 -6.11
CA SER B 138 -9.06 -10.60 -6.19
C SER B 138 -7.56 -10.92 -6.16
N ARG B 139 -6.74 -9.98 -6.61
CA ARG B 139 -5.29 -10.14 -6.62
C ARG B 139 -4.70 -10.28 -5.21
N LYS B 140 -5.53 -10.01 -4.19
CA LYS B 140 -5.12 -10.12 -2.79
C LYS B 140 -5.15 -11.56 -2.27
N VAL B 141 -5.72 -12.48 -3.05
CA VAL B 141 -5.57 -13.90 -2.75
C VAL B 141 -4.14 -14.34 -3.10
N ASP B 142 -3.41 -14.87 -2.13
CA ASP B 142 -1.97 -15.13 -2.30
C ASP B 142 -1.60 -16.60 -2.37
N VAL B 143 -2.37 -17.43 -1.68
CA VAL B 143 -2.08 -18.85 -1.62
C VAL B 143 -3.37 -19.60 -1.90
N MET B 144 -3.31 -20.49 -2.87
CA MET B 144 -4.46 -21.32 -3.24
C MET B 144 -4.49 -22.57 -2.37
N ILE B 145 -5.70 -22.97 -1.97
CA ILE B 145 -5.92 -24.22 -1.25
C ILE B 145 -6.64 -25.19 -2.17
N GLU B 146 -6.07 -26.37 -2.35
CA GLU B 146 -6.66 -27.39 -3.21
C GLU B 146 -6.84 -28.69 -2.44
N LYS B 147 -7.75 -29.53 -2.92
CA LYS B 147 -7.91 -30.86 -2.34
C LYS B 147 -8.07 -31.86 -3.47
N GLN B 148 -7.31 -32.95 -3.38
CA GLN B 148 -7.39 -34.01 -4.38
C GLN B 148 -8.77 -34.65 -4.31
N GLY B 149 -9.42 -34.77 -5.47
CA GLY B 149 -10.74 -35.39 -5.54
C GLY B 149 -11.91 -34.49 -5.17
N GLY B 150 -11.63 -33.21 -4.94
CA GLY B 150 -12.67 -32.26 -4.62
C GLY B 150 -12.39 -30.91 -5.25
N GLY B 151 -13.26 -29.95 -5.00
CA GLY B 151 -13.00 -28.58 -5.41
C GLY B 151 -13.34 -28.25 -6.85
N ARG B 152 -13.16 -26.98 -7.18
CA ARG B 152 -13.48 -26.46 -8.51
C ARG B 152 -12.35 -26.74 -9.49
N SER B 153 -12.73 -27.05 -10.74
CA SER B 153 -11.79 -27.16 -11.85
C SER B 153 -10.51 -27.94 -11.54
N PRO B 154 -10.66 -29.24 -11.22
CA PRO B 154 -9.51 -30.06 -10.83
C PRO B 154 -8.43 -30.09 -11.90
N ASP B 155 -7.16 -30.08 -11.49
CA ASP B 155 -6.06 -30.16 -12.44
C ASP B 155 -5.81 -31.62 -12.84
N ALA B 156 -4.73 -31.87 -13.58
CA ALA B 156 -4.43 -33.19 -14.09
C ALA B 156 -4.18 -34.21 -12.98
N GLU B 157 -3.75 -33.75 -11.81
CA GLU B 157 -3.50 -34.63 -10.67
C GLU B 157 -4.73 -34.79 -9.78
N GLY B 158 -5.83 -34.17 -10.19
CA GLY B 158 -7.09 -34.29 -9.47
C GLY B 158 -7.32 -33.26 -8.37
N PHE B 159 -6.40 -32.30 -8.24
CA PHE B 159 -6.56 -31.26 -7.23
C PHE B 159 -7.48 -30.14 -7.69
N GLY B 160 -8.57 -29.93 -6.97
CA GLY B 160 -9.48 -28.85 -7.28
C GLY B 160 -9.41 -27.76 -6.23
N VAL B 161 -9.82 -26.55 -6.59
CA VAL B 161 -9.74 -25.41 -5.68
C VAL B 161 -10.83 -25.45 -4.62
N VAL B 162 -10.43 -25.37 -3.36
CA VAL B 162 -11.39 -25.35 -2.27
C VAL B 162 -11.28 -24.09 -1.43
N GLY B 163 -10.31 -23.25 -1.72
CA GLY B 163 -10.22 -22.00 -1.00
C GLY B 163 -9.02 -21.16 -1.39
N GLY B 164 -8.86 -20.04 -0.69
CA GLY B 164 -7.70 -19.18 -0.90
C GLY B 164 -7.32 -18.50 0.40
N ILE B 165 -6.04 -18.16 0.50
CA ILE B 165 -5.50 -17.49 1.66
C ILE B 165 -5.01 -16.10 1.28
N HIS B 166 -5.47 -15.10 2.03
CA HIS B 166 -4.91 -13.76 1.97
C HIS B 166 -3.83 -13.68 3.01
N ALA B 167 -2.58 -13.71 2.57
CA ALA B 167 -1.45 -13.73 3.47
C ALA B 167 -0.88 -12.31 3.57
N LYS B 168 -0.78 -11.80 4.79
CA LYS B 168 -0.26 -10.47 5.02
C LYS B 168 0.63 -10.49 6.24
N VAL B 169 1.86 -9.98 6.11
CA VAL B 169 2.72 -9.90 7.29
C VAL B 169 2.13 -8.94 8.30
N SER B 170 1.64 -7.81 7.81
CA SER B 170 1.11 -6.78 8.67
C SER B 170 -0.09 -6.14 8.01
N LEU B 171 -0.87 -5.39 8.78
CA LEU B 171 -2.22 -5.03 8.34
C LEU B 171 -2.45 -3.52 8.12
N ALA B 172 -1.41 -2.77 7.79
CA ALA B 172 -1.60 -1.34 7.58
C ALA B 172 -2.37 -1.07 6.28
N GLU B 173 -2.39 -2.05 5.40
CA GLU B 173 -3.01 -1.90 4.09
C GLU B 173 -4.54 -1.83 4.16
N ARG B 174 -5.13 -1.40 3.05
CA ARG B 174 -6.57 -1.27 2.90
C ARG B 174 -7.23 -2.65 2.75
N VAL B 175 -7.50 -3.32 3.87
CA VAL B 175 -8.02 -4.68 3.85
C VAL B 175 -9.45 -4.73 3.29
N SER B 176 -10.12 -3.58 3.22
CA SER B 176 -11.44 -3.52 2.61
C SER B 176 -11.37 -3.90 1.12
N ASP B 177 -10.18 -3.74 0.54
CA ASP B 177 -9.89 -4.21 -0.81
C ASP B 177 -10.24 -5.68 -0.96
N ASP B 178 -9.93 -6.44 0.07
CA ASP B 178 -10.03 -7.90 0.01
C ASP B 178 -11.45 -8.40 0.03
N ILE B 179 -12.36 -7.59 0.56
CA ILE B 179 -13.68 -8.07 0.96
C ILE B 179 -14.57 -8.59 -0.18
N PRO B 180 -14.70 -7.84 -1.31
CA PRO B 180 -15.67 -8.33 -2.30
C PRO B 180 -15.35 -9.71 -2.85
N ALA B 181 -14.09 -9.96 -3.22
CA ALA B 181 -13.73 -11.25 -3.78
C ALA B 181 -13.79 -12.33 -2.71
N SER B 182 -13.45 -11.96 -1.49
N SER B 182 -13.47 -11.96 -1.48
CA SER B 182 -13.53 -12.89 -0.37
CA SER B 182 -13.53 -12.91 -0.37
C SER B 182 -14.97 -13.36 -0.17
C SER B 182 -14.97 -13.36 -0.14
N ARG B 183 -15.91 -12.42 -0.16
CA ARG B 183 -17.31 -12.76 0.02
C ARG B 183 -17.85 -13.64 -1.11
N ILE B 184 -17.45 -13.32 -2.33
CA ILE B 184 -17.83 -14.12 -3.49
C ILE B 184 -17.37 -15.58 -3.32
N MET B 185 -16.11 -15.76 -2.93
N MET B 185 -16.12 -15.76 -2.90
CA MET B 185 -15.55 -17.09 -2.72
CA MET B 185 -15.58 -17.11 -2.75
C MET B 185 -16.28 -17.83 -1.61
C MET B 185 -16.29 -17.84 -1.60
N MET B 186 -16.58 -17.12 -0.53
CA MET B 186 -17.32 -17.72 0.60
C MET B 186 -18.71 -18.18 0.16
N GLY B 187 -19.35 -17.37 -0.66
CA GLY B 187 -20.64 -17.72 -1.24
C GLY B 187 -20.61 -18.95 -2.12
N GLU B 188 -19.45 -19.23 -2.69
CA GLU B 188 -19.30 -20.42 -3.54
C GLU B 188 -18.97 -21.65 -2.70
N GLY B 189 -18.90 -21.48 -1.39
CA GLY B 189 -18.54 -22.56 -0.50
C GLY B 189 -17.04 -22.77 -0.41
N LEU B 190 -16.27 -21.79 -0.88
CA LEU B 190 -14.82 -21.85 -0.77
C LEU B 190 -14.38 -21.22 0.54
N LEU B 191 -13.25 -21.68 1.06
CA LEU B 191 -12.67 -21.05 2.24
C LEU B 191 -11.94 -19.80 1.81
N SER B 192 -12.13 -18.74 2.58
CA SER B 192 -11.41 -17.49 2.36
C SER B 192 -10.76 -17.11 3.67
N VAL B 193 -9.46 -17.35 3.76
CA VAL B 193 -8.78 -17.24 5.03
C VAL B 193 -7.82 -16.06 5.02
N LEU B 194 -7.87 -15.27 6.09
CA LEU B 194 -6.86 -14.26 6.32
C LEU B 194 -5.80 -14.83 7.25
N SER B 195 -4.58 -14.99 6.73
N SER B 195 -4.58 -14.97 6.73
CA SER B 195 -3.47 -15.48 7.53
CA SER B 195 -3.46 -15.47 7.51
C SER B 195 -2.48 -14.33 7.70
C SER B 195 -2.45 -14.34 7.69
N THR B 196 -2.06 -14.08 8.93
CA THR B 196 -1.20 -12.93 9.19
C THR B 196 -0.23 -13.14 10.34
N LEU B 197 0.91 -12.45 10.26
CA LEU B 197 1.83 -12.36 11.38
C LEU B 197 1.44 -11.22 12.32
N ASP B 198 0.49 -10.39 11.88
CA ASP B 198 0.01 -9.22 12.62
C ASP B 198 1.16 -8.47 13.26
N VAL B 199 2.16 -8.14 12.45
CA VAL B 199 3.32 -7.38 12.92
C VAL B 199 3.04 -5.90 13.05
N LYS B 200 3.26 -5.35 14.23
CA LYS B 200 3.39 -3.91 14.40
C LYS B 200 3.97 -3.61 15.77
N SER B 201 5.13 -2.96 15.78
CA SER B 201 5.65 -2.36 17.00
C SER B 201 5.96 -0.91 16.68
N PHE B 202 5.96 -0.07 17.70
CA PHE B 202 6.34 1.31 17.52
C PHE B 202 7.74 1.49 18.06
N PRO B 203 8.66 1.98 17.22
CA PRO B 203 10.06 2.16 17.61
C PRO B 203 10.27 3.46 18.39
N PRO B 204 11.49 3.68 18.91
CA PRO B 204 11.83 5.01 19.41
C PRO B 204 11.54 6.06 18.35
N PRO B 205 11.32 7.32 18.73
CA PRO B 205 11.53 7.98 20.04
C PRO B 205 10.56 7.56 21.15
N HIS B 206 9.27 7.44 20.87
CA HIS B 206 8.31 7.29 21.96
C HIS B 206 7.61 5.93 22.00
N GLY B 207 7.91 5.05 21.04
CA GLY B 207 7.34 3.72 21.07
C GLY B 207 8.18 2.77 21.92
N ASP B 208 7.58 1.69 22.40
CA ASP B 208 8.29 0.77 23.29
C ASP B 208 8.69 -0.55 22.62
N LEU B 209 8.54 -0.62 21.30
CA LEU B 209 8.98 -1.77 20.50
C LEU B 209 8.25 -3.07 20.81
N VAL B 210 7.21 -3.04 21.64
CA VAL B 210 6.44 -4.24 21.88
C VAL B 210 5.51 -4.48 20.69
N ASN B 211 5.60 -5.69 20.16
CA ASN B 211 4.92 -6.06 18.93
C ASN B 211 3.47 -6.47 19.18
N ARG B 212 2.61 -5.46 19.35
CA ARG B 212 1.25 -5.73 19.76
C ARG B 212 0.28 -5.98 18.59
N GLY B 213 0.71 -5.64 17.38
CA GLY B 213 -0.14 -5.83 16.21
C GLY B 213 -1.18 -4.74 16.05
N GLU B 214 -2.16 -4.98 15.20
CA GLU B 214 -3.11 -3.94 14.79
C GLU B 214 -4.56 -4.37 14.85
N LEU B 215 -4.85 -5.46 15.54
CA LEU B 215 -6.20 -6.03 15.52
C LEU B 215 -7.09 -5.61 16.70
N GLY B 216 -6.55 -4.84 17.65
CA GLY B 216 -7.37 -4.40 18.77
C GLY B 216 -7.89 -5.56 19.60
N THR B 217 -9.06 -5.38 20.22
CA THR B 217 -9.64 -6.41 21.09
C THR B 217 -11.13 -6.58 20.77
N PRO B 218 -11.75 -7.69 21.18
CA PRO B 218 -13.21 -7.78 20.99
C PRO B 218 -13.97 -6.60 21.62
N ASP B 219 -13.53 -6.14 22.78
CA ASP B 219 -14.18 -5.00 23.44
C ASP B 219 -13.89 -3.69 22.73
N ARG B 220 -12.72 -3.61 22.10
CA ARG B 220 -12.33 -2.40 21.39
C ARG B 220 -11.73 -2.76 20.04
N PRO B 221 -12.58 -3.15 19.09
CA PRO B 221 -12.04 -3.67 17.83
C PRO B 221 -11.46 -2.60 16.92
N SER B 222 -10.38 -2.94 16.23
CA SER B 222 -9.94 -2.13 15.11
C SER B 222 -10.89 -2.40 13.96
N ASP B 223 -10.83 -1.55 12.94
CA ASP B 223 -11.68 -1.73 11.76
C ASP B 223 -11.41 -3.09 11.12
N LYS B 224 -10.15 -3.53 11.17
N LYS B 224 -10.17 -3.55 11.18
CA LYS B 224 -9.77 -4.82 10.63
CA LYS B 224 -9.82 -4.84 10.59
C LYS B 224 -10.44 -5.97 11.38
C LYS B 224 -10.41 -6.00 11.37
N ARG B 225 -10.47 -5.88 12.70
CA ARG B 225 -11.09 -6.93 13.50
C ARG B 225 -12.59 -6.95 13.19
N ASN B 226 -13.16 -5.78 12.99
CA ASN B 226 -14.58 -5.67 12.64
C ASN B 226 -14.91 -6.38 11.34
N TYR B 227 -13.97 -6.39 10.40
CA TYR B 227 -14.19 -7.09 9.13
C TYR B 227 -14.47 -8.57 9.36
N ILE B 228 -13.73 -9.17 10.28
CA ILE B 228 -13.86 -10.59 10.57
C ILE B 228 -15.01 -10.90 11.55
N GLU B 229 -14.92 -10.35 12.75
CA GLU B 229 -15.88 -10.67 13.80
C GLU B 229 -17.25 -10.03 13.58
N GLY B 230 -17.27 -8.84 13.01
CA GLY B 230 -18.52 -8.14 12.81
C GLY B 230 -19.15 -8.45 11.48
N HIS B 231 -18.41 -8.23 10.40
CA HIS B 231 -18.97 -8.38 9.06
C HIS B 231 -18.96 -9.82 8.59
N GLY B 232 -17.99 -10.60 9.06
CA GLY B 232 -17.86 -11.99 8.63
C GLY B 232 -17.33 -12.08 7.21
N ASP B 233 -16.36 -11.22 6.91
CA ASP B 233 -15.89 -11.07 5.54
C ASP B 233 -14.79 -12.06 5.16
N PHE B 234 -14.36 -12.88 6.11
CA PHE B 234 -13.47 -14.00 5.83
C PHE B 234 -14.01 -15.21 6.55
N SER B 235 -13.64 -16.42 6.09
CA SER B 235 -14.08 -17.65 6.72
C SER B 235 -13.49 -17.79 8.11
N ALA B 236 -12.24 -17.34 8.23
CA ALA B 236 -11.49 -17.38 9.46
C ALA B 236 -10.27 -16.49 9.29
N CYS B 237 -9.70 -16.07 10.41
CA CYS B 237 -8.43 -15.39 10.42
C CYS B 237 -7.52 -16.11 11.37
N PHE B 238 -6.28 -16.35 10.91
CA PHE B 238 -5.27 -16.94 11.76
C PHE B 238 -4.12 -15.95 11.95
N SER B 239 -3.85 -15.62 13.20
CA SER B 239 -2.71 -14.76 13.50
C SER B 239 -1.64 -15.54 14.23
N TYR B 240 -0.40 -15.31 13.83
CA TYR B 240 0.74 -15.95 14.45
C TYR B 240 1.49 -14.98 15.37
N ASN B 241 0.82 -13.89 15.71
CA ASN B 241 1.26 -13.02 16.79
C ASN B 241 0.55 -13.44 18.06
N LEU B 242 1.29 -14.01 19.00
CA LEU B 242 0.71 -14.47 20.26
C LEU B 242 0.06 -13.35 21.07
N ARG B 243 0.39 -12.10 20.75
CA ARG B 243 -0.22 -10.95 21.43
C ARG B 243 -1.56 -10.53 20.83
N THR B 244 -1.88 -11.05 19.65
CA THR B 244 -3.18 -10.79 19.03
C THR B 244 -4.27 -11.28 19.97
N SER B 245 -5.28 -10.45 20.22
CA SER B 245 -6.41 -10.90 21.04
C SER B 245 -7.26 -11.86 20.22
N PRO B 246 -7.46 -13.09 20.73
CA PRO B 246 -8.36 -14.00 20.03
C PRO B 246 -9.80 -13.56 20.16
N SER B 247 -10.64 -14.00 19.25
CA SER B 247 -12.07 -13.74 19.34
C SER B 247 -12.65 -14.34 20.60
N ASN B 248 -13.76 -13.78 21.07
CA ASN B 248 -14.55 -14.42 22.13
C ASN B 248 -15.05 -15.77 21.65
N ALA B 249 -15.62 -16.57 22.55
CA ALA B 249 -16.16 -17.87 22.18
C ALA B 249 -17.20 -17.73 21.08
N THR B 250 -17.95 -16.64 21.12
CA THR B 250 -18.88 -16.31 20.05
C THR B 250 -18.54 -14.94 19.47
N THR B 251 -18.81 -14.75 18.18
CA THR B 251 -18.63 -13.46 17.53
C THR B 251 -19.95 -13.09 16.85
N PRO B 252 -20.17 -11.80 16.57
CA PRO B 252 -21.40 -11.40 15.90
C PRO B 252 -21.64 -12.14 14.58
N SER B 253 -20.57 -12.43 13.85
CA SER B 253 -20.70 -13.04 12.53
C SER B 253 -20.55 -14.56 12.54
N GLY B 254 -20.00 -15.09 13.62
CA GLY B 254 -19.67 -16.50 13.69
C GLY B 254 -18.28 -16.79 13.14
N ARG B 255 -17.61 -15.75 12.64
CA ARG B 255 -16.25 -15.89 12.12
C ARG B 255 -15.26 -15.44 13.17
N HIS B 256 -14.13 -16.13 13.25
CA HIS B 256 -13.20 -15.92 14.35
C HIS B 256 -11.80 -15.53 13.93
N ILE B 257 -11.13 -14.86 14.85
CA ILE B 257 -9.70 -14.69 14.82
C ILE B 257 -9.07 -15.72 15.73
N TYR B 258 -8.27 -16.61 15.16
CA TYR B 258 -7.57 -17.64 15.92
C TYR B 258 -6.10 -17.28 16.06
N VAL B 259 -5.52 -17.60 17.20
CA VAL B 259 -4.15 -17.23 17.50
C VAL B 259 -3.35 -18.49 17.80
N SER B 260 -2.18 -18.62 17.19
CA SER B 260 -1.40 -19.83 17.39
C SER B 260 0.09 -19.66 17.12
N GLY B 261 0.85 -20.65 17.56
CA GLY B 261 2.27 -20.73 17.25
C GLY B 261 2.44 -21.26 15.84
N PHE B 262 3.69 -21.45 15.43
CA PHE B 262 3.97 -21.86 14.05
C PHE B 262 4.74 -23.17 14.02
N SER B 263 5.10 -23.67 15.19
CA SER B 263 5.83 -24.93 15.27
C SER B 263 4.90 -26.12 15.34
N GLY B 264 5.47 -27.32 15.21
CA GLY B 264 4.72 -28.55 15.42
C GLY B 264 4.10 -29.14 14.17
N GLN B 265 3.05 -29.93 14.35
N GLN B 265 3.06 -29.94 14.38
CA GLN B 265 2.42 -30.63 13.25
CA GLN B 265 2.42 -30.67 13.30
C GLN B 265 1.00 -30.15 12.99
C GLN B 265 1.02 -30.15 13.01
N ASP B 266 0.04 -30.86 13.57
CA ASP B 266 -1.35 -30.48 13.49
C ASP B 266 -1.57 -29.36 14.47
N ASP B 267 -2.11 -28.25 13.99
CA ASP B 267 -2.40 -27.10 14.85
C ASP B 267 -3.80 -26.63 14.56
N GLU B 268 -4.17 -25.49 15.11
CA GLU B 268 -5.50 -24.95 14.87
C GLU B 268 -5.74 -24.69 13.39
N PHE B 269 -4.71 -24.29 12.64
CA PHE B 269 -4.92 -24.00 11.23
C PHE B 269 -5.13 -25.29 10.43
N THR B 270 -4.26 -26.27 10.59
CA THR B 270 -4.41 -27.53 9.85
C THR B 270 -5.72 -28.20 10.19
N ASP B 271 -6.03 -28.28 11.48
CA ASP B 271 -7.26 -28.93 11.92
C ASP B 271 -8.50 -28.17 11.45
N TYR B 272 -8.38 -26.85 11.30
CA TYR B 272 -9.45 -26.06 10.73
C TYR B 272 -9.69 -26.44 9.27
N LEU B 273 -8.60 -26.50 8.49
CA LEU B 273 -8.74 -26.86 7.08
C LEU B 273 -9.28 -28.27 6.92
N VAL B 274 -8.69 -29.21 7.66
CA VAL B 274 -9.09 -30.60 7.56
C VAL B 274 -10.57 -30.77 7.91
N ALA B 275 -11.01 -30.11 8.98
CA ALA B 275 -12.41 -30.26 9.40
C ALA B 275 -13.37 -29.63 8.40
N GLN B 276 -12.96 -28.49 7.84
CA GLN B 276 -13.80 -27.79 6.87
C GLN B 276 -13.95 -28.59 5.59
N LEU B 277 -12.90 -29.33 5.23
CA LEU B 277 -12.84 -29.98 3.94
C LEU B 277 -13.11 -31.49 3.97
N ALA B 278 -13.31 -32.03 5.17
CA ALA B 278 -13.52 -33.47 5.30
C ALA B 278 -14.93 -33.87 4.93
#